data_2BJO
#
_entry.id   2BJO
#
_cell.length_a   35.340
_cell.length_b   41.434
_cell.length_c   44.600
_cell.angle_alpha   84.45
_cell.angle_beta   91.51
_cell.angle_gamma   73.89
#
_symmetry.space_group_name_H-M   'P 1'
#
loop_
_entity.id
_entity.type
_entity.pdbx_description
1 polymer 'ORGANIC HYDROPEROXIDE RESISTANCE PROTEIN OHRB'
2 water water
#
_entity_poly.entity_id   1
_entity_poly.type   'polypeptide(L)'
_entity_poly.pdbx_seq_one_letter_code
;MALFTAKVTARGGRAGHITSDDGVLDFDIVMPNAAAAGQTGTNPEQLFAAGYAACFGGALEHVAKEQNIEIDSEIEGQVS
LMKDESDGGFKIGVTLVVNTKDLDREKAQELVNAAHEFCPYSKATRGNVDVKLELK
;
_entity_poly.pdbx_strand_id   A,B
#
# COMPACT_ATOMS: atom_id res chain seq x y z
N ALA A 2 6.82 13.02 -12.77
CA ALA A 2 5.62 12.26 -12.29
C ALA A 2 4.60 12.05 -13.38
N LEU A 3 4.15 10.80 -13.51
CA LEU A 3 3.08 10.39 -14.43
C LEU A 3 1.74 10.82 -13.84
N PHE A 4 1.60 10.71 -12.51
CA PHE A 4 0.44 11.10 -11.73
C PHE A 4 0.79 10.92 -10.25
N THR A 5 0.00 11.58 -9.41
CA THR A 5 0.08 11.58 -7.97
C THR A 5 -1.31 11.22 -7.47
N ALA A 6 -1.45 10.13 -6.72
CA ALA A 6 -2.69 9.76 -6.06
C ALA A 6 -2.68 10.37 -4.65
N LYS A 7 -3.77 11.01 -4.22
CA LYS A 7 -3.90 11.60 -2.89
C LYS A 7 -5.01 10.98 -2.05
N VAL A 8 -4.67 10.67 -0.79
CA VAL A 8 -5.64 10.10 0.16
C VAL A 8 -5.35 10.77 1.50
N THR A 9 -6.39 11.18 2.21
CA THR A 9 -6.31 11.85 3.50
C THR A 9 -6.78 10.86 4.56
N ALA A 10 -6.01 10.68 5.62
CA ALA A 10 -6.45 9.80 6.69
C ALA A 10 -6.68 10.68 7.89
N ARG A 11 -7.85 10.60 8.52
CA ARG A 11 -8.17 11.31 9.74
C ARG A 11 -8.24 10.30 10.88
N GLY A 12 -7.68 10.67 12.03
CA GLY A 12 -7.87 9.97 13.31
C GLY A 12 -7.30 8.65 13.74
N GLY A 13 -6.15 8.26 13.18
CA GLY A 13 -5.44 7.09 13.66
C GLY A 13 -5.88 5.67 13.40
N ARG A 14 -5.79 4.79 14.41
CA ARG A 14 -6.11 3.39 14.18
C ARG A 14 -7.62 3.06 14.14
N ALA A 15 -8.44 4.01 14.59
CA ALA A 15 -9.89 3.87 14.51
C ALA A 15 -10.40 4.97 13.59
N GLY A 16 -9.61 5.40 12.61
CA GLY A 16 -9.98 6.58 11.85
C GLY A 16 -10.78 6.37 10.58
N HIS A 17 -10.52 7.25 9.62
CA HIS A 17 -11.21 7.11 8.34
C HIS A 17 -10.31 7.65 7.21
N ILE A 18 -10.41 7.04 6.03
CA ILE A 18 -9.67 7.44 4.85
C ILE A 18 -10.66 7.88 3.77
N THR A 19 -10.34 9.01 3.14
CA THR A 19 -11.08 9.41 1.95
C THR A 19 -10.09 9.82 0.86
N SER A 20 -10.16 9.18 -0.31
CA SER A 20 -9.30 9.59 -1.41
C SER A 20 -9.80 10.99 -1.86
N ASP A 21 -8.89 11.75 -2.47
CA ASP A 21 -9.18 13.03 -3.07
C ASP A 21 -10.39 12.92 -4.01
N ASP A 22 -10.47 11.84 -4.81
CA ASP A 22 -11.57 11.63 -5.77
C ASP A 22 -12.79 10.89 -5.23
N GLY A 23 -12.79 10.53 -3.95
CA GLY A 23 -13.86 9.81 -3.29
C GLY A 23 -13.96 8.33 -3.59
N VAL A 24 -13.13 7.78 -4.47
CA VAL A 24 -13.16 6.38 -4.87
C VAL A 24 -12.92 5.55 -3.61
N LEU A 25 -11.96 5.95 -2.76
CA LEU A 25 -11.74 5.27 -1.47
C LEU A 25 -12.40 6.00 -0.30
N ASP A 26 -13.27 5.35 0.45
CA ASP A 26 -13.98 6.09 1.51
C ASP A 26 -14.30 5.04 2.58
N PHE A 27 -13.45 4.91 3.58
CA PHE A 27 -13.59 3.83 4.53
C PHE A 27 -13.12 4.20 5.91
N ASP A 28 -13.80 3.59 6.88
CA ASP A 28 -13.25 3.52 8.22
C ASP A 28 -12.02 2.62 8.26
N ILE A 29 -11.14 2.89 9.21
CA ILE A 29 -9.98 2.09 9.56
C ILE A 29 -10.45 1.36 10.80
N VAL A 30 -10.39 0.04 10.75
CA VAL A 30 -10.91 -0.79 11.83
C VAL A 30 -9.85 -1.61 12.55
N MET A 31 -10.19 -1.95 13.79
CA MET A 31 -9.31 -2.66 14.70
C MET A 31 -9.66 -4.13 14.62
N PRO A 32 -8.81 -5.00 15.18
CA PRO A 32 -9.08 -6.44 15.27
C PRO A 32 -10.46 -6.87 15.79
N ASN A 33 -11.12 -6.09 16.65
CA ASN A 33 -12.46 -6.41 17.17
C ASN A 33 -13.64 -5.88 16.35
N ALA A 34 -13.43 -5.54 15.08
CA ALA A 34 -14.46 -4.93 14.23
C ALA A 34 -15.78 -5.71 14.10
N ALA A 35 -15.67 -7.03 13.89
CA ALA A 35 -16.85 -7.88 13.78
C ALA A 35 -17.65 -7.78 15.08
N ALA A 36 -17.00 -8.00 16.22
CA ALA A 36 -17.62 -7.93 17.54
C ALA A 36 -18.32 -6.59 17.84
N ALA A 37 -17.61 -5.52 17.49
CA ALA A 37 -18.07 -4.14 17.66
C ALA A 37 -19.02 -3.66 16.56
N GLY A 38 -19.38 -4.49 15.57
CA GLY A 38 -20.25 -4.08 14.48
C GLY A 38 -19.70 -2.98 13.58
N GLN A 39 -18.38 -2.91 13.40
CA GLN A 39 -17.77 -1.88 12.57
C GLN A 39 -17.40 -2.53 11.24
N THR A 40 -17.34 -1.72 10.20
CA THR A 40 -16.89 -2.14 8.88
C THR A 40 -15.76 -1.27 8.38
N GLY A 41 -14.80 -1.86 7.67
CA GLY A 41 -13.75 -1.03 7.12
C GLY A 41 -12.53 -1.80 6.71
N THR A 42 -11.44 -1.05 6.57
CA THR A 42 -10.19 -1.57 6.08
C THR A 42 -9.12 -1.30 7.15
N ASN A 43 -7.90 -1.68 6.79
CA ASN A 43 -6.70 -1.37 7.58
C ASN A 43 -5.47 -1.21 6.68
N PRO A 44 -4.34 -0.71 7.21
CA PRO A 44 -3.16 -0.50 6.35
C PRO A 44 -2.61 -1.78 5.72
N GLU A 45 -2.74 -2.92 6.39
CA GLU A 45 -2.27 -4.21 5.88
C GLU A 45 -3.05 -4.67 4.66
N GLN A 46 -4.38 -4.66 4.75
CA GLN A 46 -5.31 -4.90 3.63
C GLN A 46 -5.10 -3.95 2.45
N LEU A 47 -4.91 -2.67 2.73
CA LEU A 47 -4.60 -1.69 1.68
C LEU A 47 -3.30 -2.06 0.94
N PHE A 48 -2.32 -2.52 1.71
CA PHE A 48 -1.00 -2.95 1.22
C PHE A 48 -1.15 -4.18 0.34
N ALA A 49 -1.92 -5.14 0.84
CA ALA A 49 -2.21 -6.39 0.14
C ALA A 49 -2.84 -6.11 -1.22
N ALA A 50 -3.83 -5.22 -1.22
CA ALA A 50 -4.54 -4.81 -2.44
C ALA A 50 -3.65 -4.14 -3.48
N GLY A 51 -2.83 -3.20 -3.01
CA GLY A 51 -1.91 -2.48 -3.86
C GLY A 51 -0.83 -3.34 -4.46
N TYR A 52 -0.23 -4.19 -3.63
CA TYR A 52 0.82 -5.09 -4.07
C TYR A 52 0.28 -6.14 -5.03
N ALA A 53 -0.92 -6.67 -4.79
CA ALA A 53 -1.53 -7.65 -5.68
C ALA A 53 -1.71 -7.07 -7.10
N ALA A 54 -2.28 -5.88 -7.10
CA ALA A 54 -2.53 -5.08 -8.27
C ALA A 54 -1.25 -4.68 -9.00
N CYS A 55 -0.27 -4.18 -8.24
CA CYS A 55 1.05 -3.83 -8.75
C CYS A 55 1.69 -5.04 -9.42
N PHE A 56 1.59 -6.20 -8.77
CA PHE A 56 2.25 -7.38 -9.28
C PHE A 56 1.58 -7.92 -10.56
N GLY A 57 0.25 -7.94 -10.59
CA GLY A 57 -0.51 -8.21 -11.78
C GLY A 57 -0.19 -7.33 -12.98
N GLY A 58 -0.02 -6.03 -12.72
CA GLY A 58 0.37 -5.10 -13.78
C GLY A 58 1.76 -5.41 -14.31
N ALA A 59 2.67 -5.74 -13.39
CA ALA A 59 4.05 -6.05 -13.70
C ALA A 59 4.14 -7.36 -14.47
N LEU A 60 3.34 -8.35 -14.06
CA LEU A 60 3.29 -9.66 -14.71
C LEU A 60 2.75 -9.51 -16.15
N GLU A 61 1.71 -8.70 -16.32
CA GLU A 61 1.13 -8.37 -17.61
C GLU A 61 2.09 -7.64 -18.54
N HIS A 62 2.82 -6.66 -17.99
CA HIS A 62 3.84 -5.96 -18.77
C HIS A 62 5.00 -6.89 -19.19
N VAL A 63 5.48 -7.79 -18.35
CA VAL A 63 6.64 -8.63 -18.71
C VAL A 63 6.24 -9.67 -19.76
N ALA A 64 5.01 -10.14 -19.65
CA ALA A 64 4.41 -11.07 -20.58
C ALA A 64 4.22 -10.40 -21.93
N LYS A 65 3.71 -9.17 -21.91
CA LYS A 65 3.50 -8.39 -23.14
C LYS A 65 4.74 -8.26 -24.01
N GLU A 66 5.84 -7.94 -23.34
CA GLU A 66 7.19 -7.93 -23.89
C GLU A 66 7.59 -9.17 -24.72
N GLN A 67 6.98 -10.31 -24.41
CA GLN A 67 7.14 -11.59 -25.09
C GLN A 67 5.93 -12.02 -25.95
N ASN A 68 5.01 -11.07 -26.15
CA ASN A 68 3.71 -11.22 -26.83
C ASN A 68 2.78 -12.28 -26.23
N ILE A 69 2.88 -12.40 -24.92
CA ILE A 69 2.10 -13.36 -24.16
C ILE A 69 0.94 -12.61 -23.48
N GLU A 70 -0.26 -13.13 -23.63
CA GLU A 70 -1.46 -12.66 -22.97
C GLU A 70 -1.67 -13.50 -21.75
N ILE A 71 -1.76 -12.93 -20.55
CA ILE A 71 -1.94 -13.74 -19.35
C ILE A 71 -3.27 -13.47 -18.66
N ASP A 72 -3.77 -14.54 -18.04
CA ASP A 72 -5.02 -14.58 -17.31
C ASP A 72 -4.50 -14.96 -15.93
N SER A 73 -4.43 -13.96 -15.06
CA SER A 73 -3.86 -14.18 -13.74
C SER A 73 -4.78 -13.70 -12.61
N GLU A 74 -4.55 -14.36 -11.47
CA GLU A 74 -5.08 -14.02 -10.16
C GLU A 74 -3.90 -14.08 -9.23
N ILE A 75 -3.69 -12.97 -8.53
CA ILE A 75 -2.68 -12.80 -7.50
C ILE A 75 -3.33 -12.48 -6.15
N GLU A 76 -3.10 -13.40 -5.20
CA GLU A 76 -3.54 -13.17 -3.84
C GLU A 76 -2.40 -12.58 -3.05
N GLY A 77 -2.52 -11.30 -2.68
CA GLY A 77 -1.58 -10.67 -1.77
C GLY A 77 -1.97 -10.98 -0.34
N GLN A 78 -1.00 -11.42 0.46
CA GLN A 78 -1.19 -11.79 1.86
C GLN A 78 -0.16 -11.00 2.70
N VAL A 79 -0.68 -10.03 3.44
CA VAL A 79 0.15 -9.13 4.20
C VAL A 79 -0.08 -9.36 5.69
N SER A 80 0.97 -9.76 6.40
CA SER A 80 0.88 -10.02 7.85
C SER A 80 1.48 -8.91 8.73
N LEU A 81 0.77 -8.52 9.78
CA LEU A 81 1.34 -7.67 10.81
C LEU A 81 2.01 -8.59 11.82
N MET A 82 3.23 -8.21 12.21
CA MET A 82 4.08 -9.01 13.08
C MET A 82 4.81 -8.15 14.10
N LYS A 83 5.20 -8.79 15.20
CA LYS A 83 6.00 -8.15 16.22
C LYS A 83 7.40 -7.98 15.61
N ASP A 84 8.00 -6.83 15.90
CA ASP A 84 9.34 -6.46 15.50
C ASP A 84 10.08 -6.57 16.83
N GLU A 85 10.72 -7.72 17.02
CA GLU A 85 11.56 -7.97 18.20
C GLU A 85 12.77 -7.04 18.34
N SER A 86 13.30 -6.49 17.24
CA SER A 86 14.41 -5.54 17.30
C SER A 86 14.04 -4.30 18.10
N ASP A 87 12.77 -3.97 17.92
CA ASP A 87 12.18 -2.70 18.29
C ASP A 87 11.20 -2.69 19.49
N GLY A 88 10.48 -3.79 19.64
CA GLY A 88 9.34 -3.89 20.53
C GLY A 88 8.12 -3.33 19.81
N GLY A 89 8.30 -2.95 18.54
CA GLY A 89 7.30 -2.37 17.65
C GLY A 89 6.72 -3.45 16.75
N PHE A 90 6.38 -3.03 15.54
CA PHE A 90 5.76 -3.87 14.52
C PHE A 90 6.43 -3.76 13.16
N LYS A 91 6.21 -4.78 12.37
CA LYS A 91 6.65 -4.87 10.98
C LYS A 91 5.71 -5.75 10.19
N ILE A 92 5.90 -5.67 8.88
CA ILE A 92 5.16 -6.36 7.82
C ILE A 92 5.87 -7.53 7.17
N GLY A 93 5.07 -8.53 6.82
CA GLY A 93 5.45 -9.75 6.08
C GLY A 93 4.54 -9.83 4.88
N VAL A 94 5.04 -10.31 3.74
CA VAL A 94 4.23 -10.39 2.52
C VAL A 94 4.40 -11.73 1.80
N THR A 95 3.29 -12.40 1.46
CA THR A 95 3.30 -13.51 0.52
C THR A 95 2.41 -13.16 -0.67
N LEU A 96 2.83 -13.49 -1.89
CA LEU A 96 2.03 -13.35 -3.10
C LEU A 96 1.84 -14.73 -3.72
N VAL A 97 0.59 -15.18 -3.91
CA VAL A 97 0.30 -16.50 -4.45
C VAL A 97 -0.21 -16.21 -5.85
N VAL A 98 0.56 -16.64 -6.85
CA VAL A 98 0.27 -16.33 -8.24
C VAL A 98 -0.33 -17.51 -9.01
N ASN A 99 -1.54 -17.28 -9.51
CA ASN A 99 -2.30 -18.20 -10.33
C ASN A 99 -2.26 -17.63 -11.74
N THR A 100 -1.51 -18.29 -12.63
CA THR A 100 -1.48 -17.95 -14.05
C THR A 100 -2.13 -18.99 -14.99
N LYS A 101 -3.18 -19.64 -14.51
CA LYS A 101 -4.11 -20.49 -15.28
C LYS A 101 -3.45 -21.48 -16.25
N ASP A 102 -3.53 -21.28 -17.57
CA ASP A 102 -3.03 -22.27 -18.54
C ASP A 102 -1.58 -21.99 -18.97
N LEU A 103 -0.94 -20.96 -18.44
CA LEU A 103 0.42 -20.64 -18.83
C LEU A 103 1.36 -21.78 -18.47
N ASP A 104 2.28 -22.14 -19.36
CA ASP A 104 3.26 -23.15 -19.00
C ASP A 104 4.00 -22.63 -17.77
N ARG A 105 4.16 -23.58 -16.84
CA ARG A 105 4.80 -23.34 -15.58
C ARG A 105 6.22 -22.76 -15.66
N GLU A 106 7.06 -23.30 -16.53
CA GLU A 106 8.42 -22.80 -16.73
C GLU A 106 8.32 -21.31 -17.08
N LYS A 107 7.39 -20.97 -17.96
CA LYS A 107 7.22 -19.58 -18.35
C LYS A 107 6.69 -18.73 -17.21
N ALA A 108 5.71 -19.29 -16.51
CA ALA A 108 5.15 -18.63 -15.32
C ALA A 108 6.26 -18.26 -14.31
N GLN A 109 7.12 -19.23 -13.99
CA GLN A 109 8.25 -19.00 -13.10
C GLN A 109 9.11 -17.82 -13.58
N GLU A 110 9.44 -17.84 -14.86
CA GLU A 110 10.28 -16.79 -15.43
C GLU A 110 9.63 -15.42 -15.31
N LEU A 111 8.35 -15.31 -15.67
CA LEU A 111 7.64 -14.03 -15.64
C LEU A 111 7.32 -13.44 -14.25
N VAL A 112 7.13 -14.33 -13.29
CA VAL A 112 7.00 -13.98 -11.89
C VAL A 112 8.28 -13.30 -11.40
N ASN A 113 9.43 -13.92 -11.69
CA ASN A 113 10.69 -13.33 -11.28
C ASN A 113 10.87 -11.98 -11.95
N ALA A 114 10.64 -11.89 -13.26
CA ALA A 114 10.76 -10.63 -13.97
C ALA A 114 9.82 -9.55 -13.39
N ALA A 115 8.58 -9.94 -13.12
CA ALA A 115 7.59 -9.10 -12.49
C ALA A 115 8.06 -8.57 -11.14
N HIS A 116 8.74 -9.39 -10.34
CA HIS A 116 9.26 -8.98 -9.05
C HIS A 116 10.37 -7.96 -9.20
N GLU A 117 11.07 -7.94 -10.31
CA GLU A 117 12.12 -6.95 -10.52
C GLU A 117 11.49 -5.65 -11.03
N PHE A 118 10.37 -5.70 -11.74
CA PHE A 118 9.67 -4.51 -12.27
C PHE A 118 8.67 -3.77 -11.38
N CYS A 119 7.82 -4.50 -10.64
CA CYS A 119 6.77 -3.97 -9.79
C CYS A 119 7.31 -2.93 -8.82
N PRO A 120 6.85 -1.67 -8.99
CA PRO A 120 7.28 -0.67 -8.01
C PRO A 120 7.14 -1.04 -6.52
N TYR A 121 6.15 -1.82 -6.08
CA TYR A 121 6.07 -2.22 -4.66
C TYR A 121 7.24 -3.12 -4.24
N SER A 122 7.71 -3.97 -5.16
CA SER A 122 8.84 -4.90 -4.94
C SER A 122 10.15 -4.14 -4.79
N LYS A 123 10.29 -3.12 -5.62
CA LYS A 123 11.41 -2.17 -5.55
C LYS A 123 11.35 -1.40 -4.23
N ALA A 124 10.19 -0.88 -3.84
CA ALA A 124 10.04 -0.10 -2.61
C ALA A 124 10.41 -0.87 -1.33
N THR A 125 10.12 -2.17 -1.34
CA THR A 125 10.34 -3.07 -0.21
C THR A 125 11.59 -3.93 -0.25
N ARG A 126 12.36 -3.86 -1.34
CA ARG A 126 13.51 -4.71 -1.56
C ARG A 126 14.47 -4.60 -0.40
N GLY A 127 14.80 -5.75 0.20
CA GLY A 127 15.79 -5.76 1.28
C GLY A 127 15.28 -5.38 2.65
N ASN A 128 14.00 -5.03 2.75
CA ASN A 128 13.32 -4.67 3.99
C ASN A 128 12.28 -5.72 4.42
N VAL A 129 11.57 -6.27 3.43
CA VAL A 129 10.56 -7.30 3.61
C VAL A 129 11.02 -8.48 2.76
N ASP A 130 10.82 -9.65 3.33
CA ASP A 130 11.20 -10.93 2.74
C ASP A 130 9.97 -11.48 1.99
N VAL A 131 9.69 -10.85 0.85
CA VAL A 131 8.54 -11.16 0.00
C VAL A 131 8.58 -12.57 -0.61
N LYS A 132 7.67 -13.42 -0.18
CA LYS A 132 7.57 -14.82 -0.64
C LYS A 132 6.60 -14.90 -1.82
N LEU A 133 7.09 -15.52 -2.88
CA LEU A 133 6.43 -15.68 -4.17
C LEU A 133 6.13 -17.15 -4.37
N GLU A 134 4.85 -17.46 -4.57
CA GLU A 134 4.36 -18.82 -4.72
C GLU A 134 3.52 -18.92 -5.99
N LEU A 135 3.84 -19.87 -6.85
CA LEU A 135 2.98 -20.24 -7.96
C LEU A 135 2.00 -21.32 -7.56
N LYS A 136 0.81 -21.33 -8.14
CA LYS A 136 -0.07 -22.50 -8.03
C LYS A 136 -0.40 -23.05 -9.42
N ALA B 2 2.58 -14.40 12.45
CA ALA B 2 1.58 -13.34 12.07
C ALA B 2 0.55 -13.09 13.17
N LEU B 3 0.31 -11.82 13.49
CA LEU B 3 -0.76 -11.38 14.40
C LEU B 3 -2.07 -11.45 13.63
N PHE B 4 -2.06 -10.85 12.44
CA PHE B 4 -3.15 -11.02 11.48
C PHE B 4 -2.61 -10.94 10.05
N THR B 5 -3.35 -11.57 9.13
CA THR B 5 -3.07 -11.56 7.70
C THR B 5 -4.27 -11.07 6.92
N ALA B 6 -4.07 -9.94 6.24
CA ALA B 6 -4.99 -9.42 5.27
C ALA B 6 -4.74 -10.08 3.91
N LYS B 7 -5.82 -10.40 3.22
CA LYS B 7 -5.81 -11.07 1.91
C LYS B 7 -6.71 -10.35 0.89
N VAL B 8 -6.11 -10.05 -0.26
CA VAL B 8 -6.75 -9.39 -1.38
C VAL B 8 -6.25 -10.02 -2.68
N THR B 9 -7.18 -10.24 -3.62
CA THR B 9 -6.89 -10.91 -4.88
C THR B 9 -7.10 -9.85 -5.96
N ALA B 10 -6.08 -9.77 -6.81
CA ALA B 10 -6.07 -8.99 -8.04
C ALA B 10 -6.22 -9.93 -9.22
N ARG B 11 -7.27 -9.70 -10.00
CA ARG B 11 -7.54 -10.33 -11.28
C ARG B 11 -6.93 -9.42 -12.35
N GLY B 12 -6.17 -9.97 -13.28
CA GLY B 12 -5.59 -9.17 -14.36
C GLY B 12 -4.51 -8.18 -13.98
N GLY B 13 -4.32 -7.19 -14.83
CA GLY B 13 -3.22 -6.22 -14.72
C GLY B 13 -3.56 -4.76 -14.54
N ARG B 14 -3.08 -3.94 -15.47
CA ARG B 14 -3.20 -2.49 -15.35
C ARG B 14 -4.63 -1.95 -15.41
N ALA B 15 -5.53 -2.73 -16.01
CA ALA B 15 -6.95 -2.45 -16.11
C ALA B 15 -7.77 -3.56 -15.48
N GLY B 16 -7.19 -4.25 -14.50
CA GLY B 16 -7.81 -5.36 -13.79
C GLY B 16 -8.74 -4.94 -12.65
N HIS B 17 -8.82 -5.80 -11.64
CA HIS B 17 -9.78 -5.63 -10.56
C HIS B 17 -9.22 -6.25 -9.28
N ILE B 18 -9.48 -5.61 -8.15
CA ILE B 18 -9.16 -6.12 -6.80
C ILE B 18 -10.42 -6.32 -5.95
N THR B 19 -10.38 -7.43 -5.22
CA THR B 19 -11.39 -7.84 -4.26
C THR B 19 -10.73 -8.41 -3.01
N SER B 20 -10.96 -7.75 -1.88
CA SER B 20 -10.48 -8.26 -0.61
C SER B 20 -11.31 -9.49 -0.28
N ASP B 21 -10.78 -10.38 0.55
CA ASP B 21 -11.48 -11.61 0.91
C ASP B 21 -12.83 -11.42 1.63
N ASP B 22 -12.94 -10.31 2.37
CA ASP B 22 -14.16 -9.93 3.10
C ASP B 22 -15.06 -9.04 2.21
N GLY B 23 -14.66 -8.77 0.97
CA GLY B 23 -15.41 -7.90 0.07
C GLY B 23 -15.40 -6.41 0.33
N VAL B 24 -14.71 -5.94 1.37
CA VAL B 24 -14.70 -4.51 1.74
C VAL B 24 -14.05 -3.66 0.66
N LEU B 25 -12.92 -4.14 0.14
CA LEU B 25 -12.35 -3.53 -1.04
C LEU B 25 -12.80 -4.28 -2.29
N ASP B 26 -13.45 -3.59 -3.22
CA ASP B 26 -13.98 -4.22 -4.42
C ASP B 26 -13.90 -3.11 -5.47
N PHE B 27 -12.84 -3.15 -6.26
CA PHE B 27 -12.53 -2.07 -7.18
C PHE B 27 -11.86 -2.53 -8.46
N ASP B 28 -12.29 -1.87 -9.53
CA ASP B 28 -11.53 -1.91 -10.77
C ASP B 28 -10.23 -1.11 -10.60
N ILE B 29 -9.18 -1.55 -11.28
CA ILE B 29 -7.92 -0.85 -11.35
C ILE B 29 -8.01 0.16 -12.52
N VAL B 30 -7.90 1.45 -12.20
CA VAL B 30 -7.84 2.52 -13.18
C VAL B 30 -6.61 3.38 -12.90
N MET B 31 -5.68 3.34 -13.87
CA MET B 31 -4.53 4.22 -13.92
C MET B 31 -5.00 5.60 -14.38
N PRO B 32 -4.64 6.68 -13.66
CA PRO B 32 -5.00 8.01 -14.14
C PRO B 32 -4.46 8.41 -15.52
N ASN B 33 -3.33 7.84 -15.91
CA ASN B 33 -2.79 8.01 -17.28
C ASN B 33 -3.43 7.13 -18.39
N ALA B 34 -4.46 6.33 -18.10
CA ALA B 34 -5.12 5.45 -19.05
C ALA B 34 -6.61 5.33 -18.71
N ALA B 35 -7.27 6.46 -18.47
CA ALA B 35 -8.68 6.50 -18.07
C ALA B 35 -9.47 7.50 -18.91
N ALA B 36 -9.27 7.42 -20.23
CA ALA B 36 -9.89 8.37 -21.15
C ALA B 36 -11.42 8.37 -21.16
N ALA B 37 -12.06 7.24 -20.85
CA ALA B 37 -13.52 7.17 -20.84
C ALA B 37 -14.16 7.57 -19.50
N GLY B 38 -13.36 8.05 -18.54
CA GLY B 38 -13.85 8.48 -17.23
C GLY B 38 -14.18 7.34 -16.31
N GLN B 39 -13.51 6.20 -16.50
CA GLN B 39 -13.65 4.97 -15.71
C GLN B 39 -13.35 5.21 -14.24
N THR B 40 -14.10 4.57 -13.35
CA THR B 40 -13.95 4.76 -11.91
C THR B 40 -13.19 3.56 -11.35
N GLY B 41 -12.14 3.88 -10.59
CA GLY B 41 -11.39 2.82 -9.93
C GLY B 41 -10.21 3.32 -9.13
N THR B 42 -9.45 2.37 -8.59
CA THR B 42 -8.29 2.68 -7.74
C THR B 42 -7.07 2.19 -8.47
N ASN B 43 -5.92 2.31 -7.81
CA ASN B 43 -4.67 1.84 -8.38
C ASN B 43 -3.65 1.59 -7.27
N PRO B 44 -2.54 0.91 -7.58
CA PRO B 44 -1.49 0.74 -6.53
C PRO B 44 -0.98 2.00 -5.79
N GLU B 45 -0.89 3.12 -6.48
CA GLU B 45 -0.38 4.36 -5.92
C GLU B 45 -1.41 4.94 -4.95
N GLN B 46 -2.69 4.87 -5.31
CA GLN B 46 -3.80 5.32 -4.47
C GLN B 46 -3.99 4.41 -3.26
N LEU B 47 -3.85 3.11 -3.43
CA LEU B 47 -3.97 2.20 -2.30
C LEU B 47 -2.85 2.42 -1.27
N PHE B 48 -1.66 2.71 -1.77
CA PHE B 48 -0.47 2.98 -0.96
C PHE B 48 -0.61 4.33 -0.25
N ALA B 49 -1.15 5.32 -0.92
CA ALA B 49 -1.44 6.63 -0.29
C ALA B 49 -2.41 6.49 0.89
N ALA B 50 -3.43 5.68 0.68
CA ALA B 50 -4.39 5.32 1.71
C ALA B 50 -3.77 4.66 2.94
N GLY B 51 -3.00 3.62 2.61
CA GLY B 51 -2.40 2.72 3.59
C GLY B 51 -1.34 3.39 4.43
N TYR B 52 -0.48 4.14 3.76
CA TYR B 52 0.59 4.85 4.42
C TYR B 52 0.01 6.02 5.21
N ALA B 53 -0.96 6.77 4.69
CA ALA B 53 -1.64 7.80 5.47
C ALA B 53 -2.22 7.24 6.76
N ALA B 54 -2.98 6.16 6.66
CA ALA B 54 -3.53 5.44 7.80
C ALA B 54 -2.44 4.97 8.79
N CYS B 55 -1.40 4.29 8.31
CA CYS B 55 -0.29 3.77 9.12
C CYS B 55 0.41 4.89 9.88
N PHE B 56 0.70 5.97 9.14
CA PHE B 56 1.39 7.10 9.74
C PHE B 56 0.49 7.79 10.77
N GLY B 57 -0.81 7.95 10.52
CA GLY B 57 -1.77 8.58 11.43
C GLY B 57 -1.86 7.78 12.71
N GLY B 58 -1.91 6.46 12.56
CA GLY B 58 -1.90 5.53 13.69
C GLY B 58 -0.59 5.57 14.47
N ALA B 59 0.53 5.53 13.74
CA ALA B 59 1.86 5.73 14.36
C ALA B 59 1.97 7.06 15.14
N LEU B 60 1.50 8.14 14.54
CA LEU B 60 1.50 9.47 15.14
C LEU B 60 0.74 9.55 16.48
N GLU B 61 -0.50 9.05 16.48
CA GLU B 61 -1.39 8.82 17.60
C GLU B 61 -0.69 8.12 18.75
N HIS B 62 0.03 7.04 18.43
CA HIS B 62 0.73 6.18 19.38
C HIS B 62 1.92 6.89 20.04
N VAL B 63 2.78 7.45 19.21
CA VAL B 63 3.99 8.13 19.75
C VAL B 63 3.62 9.33 20.64
N ALA B 64 2.57 10.04 20.23
CA ALA B 64 1.99 11.17 20.96
C ALA B 64 1.45 10.72 22.32
N LYS B 65 0.68 9.63 22.28
CA LYS B 65 0.15 8.99 23.49
C LYS B 65 1.31 8.55 24.38
N GLU B 66 2.36 7.94 23.81
CA GLU B 66 3.63 7.65 24.53
C GLU B 66 4.27 8.86 25.20
N GLN B 67 4.07 10.04 24.62
CA GLN B 67 4.50 11.32 25.19
C GLN B 67 3.42 12.01 26.03
N ASN B 68 2.36 11.26 26.37
CA ASN B 68 1.18 11.77 27.08
C ASN B 68 0.45 12.94 26.41
N ILE B 69 0.40 12.93 25.08
CA ILE B 69 -0.31 13.90 24.25
C ILE B 69 -1.46 13.22 23.49
N GLU B 70 -2.69 13.73 23.57
CA GLU B 70 -3.88 13.23 22.86
C GLU B 70 -3.97 14.01 21.56
N ILE B 71 -3.55 13.43 20.43
CA ILE B 71 -3.44 14.13 19.15
C ILE B 71 -4.67 13.94 18.27
N ASP B 72 -5.07 15.00 17.56
CA ASP B 72 -6.10 14.94 16.52
C ASP B 72 -5.25 15.19 15.27
N SER B 73 -5.27 14.16 14.43
CA SER B 73 -4.39 14.02 13.27
C SER B 73 -5.09 14.00 11.93
N GLU B 74 -4.49 14.69 10.96
CA GLU B 74 -4.96 14.58 9.59
C GLU B 74 -3.73 14.44 8.70
N ILE B 75 -3.70 13.37 7.91
CA ILE B 75 -2.54 13.12 7.05
C ILE B 75 -2.97 12.91 5.60
N GLU B 76 -2.35 13.67 4.69
CA GLU B 76 -2.59 13.47 3.26
C GLU B 76 -1.38 12.72 2.73
N GLY B 77 -1.62 11.52 2.21
CA GLY B 77 -0.56 10.79 1.51
C GLY B 77 -0.60 11.15 0.02
N GLN B 78 0.54 11.38 -0.61
CA GLN B 78 0.61 11.79 -2.00
C GLN B 78 1.61 10.81 -2.61
N VAL B 79 1.14 9.87 -3.43
CA VAL B 79 2.00 8.84 -4.00
C VAL B 79 2.06 9.05 -5.50
N SER B 80 3.27 9.35 -5.99
CA SER B 80 3.55 9.63 -7.38
C SER B 80 4.18 8.42 -8.06
N LEU B 81 3.74 8.11 -9.27
CA LEU B 81 4.39 7.06 -10.06
C LEU B 81 5.37 7.83 -10.91
N MET B 82 6.65 7.46 -10.86
CA MET B 82 7.74 8.12 -11.61
C MET B 82 8.49 7.13 -12.50
N LYS B 83 9.18 7.65 -13.52
CA LYS B 83 10.10 6.83 -14.32
C LYS B 83 11.33 6.49 -13.48
N ASP B 84 11.87 5.31 -13.73
CA ASP B 84 13.04 4.84 -13.01
C ASP B 84 14.11 4.72 -14.09
N GLU B 85 15.03 5.67 -14.03
CA GLU B 85 16.12 5.76 -15.00
C GLU B 85 17.16 4.65 -14.78
N SER B 86 17.27 4.13 -13.55
CA SER B 86 18.16 3.00 -13.28
C SER B 86 17.85 1.81 -14.22
N ASP B 87 16.59 1.57 -14.56
CA ASP B 87 16.18 0.46 -15.42
C ASP B 87 15.18 0.77 -16.53
N GLY B 88 14.87 2.05 -16.78
CA GLY B 88 13.81 2.39 -17.74
C GLY B 88 12.40 1.95 -17.37
N GLY B 89 12.21 1.68 -16.06
CA GLY B 89 11.00 1.15 -15.48
C GLY B 89 10.30 2.25 -14.72
N PHE B 90 9.65 1.84 -13.65
CA PHE B 90 8.85 2.73 -12.81
C PHE B 90 9.17 2.57 -11.33
N LYS B 91 8.93 3.61 -10.56
CA LYS B 91 9.09 3.62 -9.14
C LYS B 91 8.12 4.64 -8.56
N ILE B 92 7.91 4.47 -7.26
CA ILE B 92 7.07 5.40 -6.51
C ILE B 92 7.87 6.36 -5.63
N GLY B 93 7.33 7.57 -5.50
CA GLY B 93 7.77 8.58 -4.57
C GLY B 93 6.57 8.90 -3.69
N VAL B 94 6.83 9.23 -2.42
CA VAL B 94 5.82 9.55 -1.40
C VAL B 94 6.09 10.89 -0.74
N THR B 95 5.02 11.69 -0.59
CA THR B 95 5.01 12.83 0.33
C THR B 95 3.85 12.58 1.32
N LEU B 96 4.06 12.88 2.59
CA LEU B 96 3.01 12.82 3.62
C LEU B 96 2.94 14.22 4.21
N VAL B 97 1.77 14.83 4.13
CA VAL B 97 1.51 16.18 4.65
C VAL B 97 0.75 15.97 5.97
N VAL B 98 1.37 16.31 7.08
CA VAL B 98 0.81 16.10 8.41
C VAL B 98 0.19 17.38 8.96
N ASN B 99 -1.12 17.38 9.15
CA ASN B 99 -1.80 18.54 9.74
C ASN B 99 -2.01 18.27 11.22
N THR B 100 -1.25 18.93 12.09
CA THR B 100 -1.40 18.82 13.54
C THR B 100 -1.99 20.13 14.03
N LYS B 101 -3.31 20.14 14.19
CA LYS B 101 -4.05 21.31 14.63
C LYS B 101 -3.82 21.55 16.12
N ASP B 102 -3.89 22.82 16.51
CA ASP B 102 -3.81 23.27 17.90
C ASP B 102 -2.61 22.63 18.63
N LEU B 103 -1.50 22.49 17.90
CA LEU B 103 -0.28 21.84 18.42
C LEU B 103 1.01 22.50 17.93
N ASP B 104 1.88 22.76 18.91
CA ASP B 104 3.20 23.36 18.78
C ASP B 104 4.08 22.65 17.73
N ARG B 105 4.47 23.39 16.70
CA ARG B 105 5.19 22.88 15.53
C ARG B 105 6.50 22.15 15.79
N GLU B 106 7.20 22.58 16.85
CA GLU B 106 8.45 22.00 17.31
C GLU B 106 8.20 20.59 17.87
N LYS B 107 7.17 20.46 18.69
CA LYS B 107 6.74 19.18 19.24
C LYS B 107 6.13 18.35 18.11
N ALA B 108 5.37 19.00 17.24
CA ALA B 108 4.80 18.36 16.06
C ALA B 108 5.84 17.64 15.21
N GLN B 109 6.93 18.33 14.89
CA GLN B 109 8.05 17.75 14.13
C GLN B 109 8.68 16.55 14.84
N GLU B 110 8.90 16.71 16.13
CA GLU B 110 9.42 15.64 16.99
C GLU B 110 8.60 14.35 16.93
N LEU B 111 7.27 14.53 17.00
CA LEU B 111 6.32 13.43 16.89
C LEU B 111 6.28 12.81 15.48
N VAL B 112 6.36 13.63 14.44
CA VAL B 112 6.50 13.13 13.06
C VAL B 112 7.76 12.26 12.90
N ASN B 113 8.88 12.75 13.39
CA ASN B 113 10.14 11.99 13.37
C ASN B 113 9.98 10.65 14.07
N ALA B 114 9.32 10.62 15.23
CA ALA B 114 9.02 9.39 15.98
C ALA B 114 8.06 8.41 15.29
N ALA B 115 6.97 8.92 14.72
CA ALA B 115 6.00 8.12 13.99
C ALA B 115 6.62 7.43 12.78
N HIS B 116 7.55 8.10 12.11
CA HIS B 116 8.29 7.54 10.97
C HIS B 116 9.15 6.33 11.37
N GLU B 117 9.71 6.27 12.58
CA GLU B 117 10.43 5.09 13.03
C GLU B 117 9.47 3.96 13.38
N PHE B 118 8.31 4.32 13.93
CA PHE B 118 7.32 3.33 14.34
C PHE B 118 6.55 2.70 13.17
N CYS B 119 6.09 3.50 12.19
CA CYS B 119 5.16 3.04 11.15
C CYS B 119 5.72 1.88 10.30
N PRO B 120 5.11 0.69 10.27
CA PRO B 120 5.61 -0.43 9.45
C PRO B 120 5.80 -0.23 7.96
N TYR B 121 5.08 0.73 7.36
CA TYR B 121 5.24 1.10 5.96
C TYR B 121 6.52 1.91 5.79
N SER B 122 6.89 2.66 6.82
CA SER B 122 8.17 3.38 6.82
C SER B 122 9.31 2.38 6.84
N LYS B 123 9.25 1.39 7.72
CA LYS B 123 10.21 0.29 7.79
C LYS B 123 10.38 -0.52 6.50
N ALA B 124 9.25 -0.79 5.87
CA ALA B 124 9.11 -1.55 4.63
C ALA B 124 9.75 -0.86 3.44
N THR B 125 9.66 0.47 3.38
CA THR B 125 10.17 1.30 2.29
C THR B 125 11.54 1.95 2.51
N ARG B 126 12.11 1.76 3.69
CA ARG B 126 13.41 2.32 4.10
C ARG B 126 14.50 2.21 3.01
N GLY B 127 15.00 3.39 2.65
CA GLY B 127 16.06 3.53 1.67
C GLY B 127 15.73 3.35 0.20
N ASN B 128 14.52 2.98 -0.15
CA ASN B 128 14.16 2.65 -1.52
C ASN B 128 13.19 3.68 -2.11
N VAL B 129 12.40 4.35 -1.28
CA VAL B 129 11.42 5.34 -1.70
C VAL B 129 11.75 6.68 -1.06
N ASP B 130 11.71 7.75 -1.85
CA ASP B 130 11.92 9.12 -1.38
C ASP B 130 10.64 9.42 -0.62
N VAL B 131 10.71 9.52 0.70
CA VAL B 131 9.52 9.75 1.53
C VAL B 131 9.72 11.11 2.17
N LYS B 132 8.87 12.07 1.82
CA LYS B 132 8.93 13.43 2.33
C LYS B 132 7.86 13.55 3.40
N LEU B 133 8.25 14.07 4.56
CA LEU B 133 7.43 14.31 5.74
C LEU B 133 7.28 15.82 5.84
N GLU B 134 6.09 16.34 5.60
CA GLU B 134 5.84 17.78 5.63
C GLU B 134 4.77 18.14 6.66
N LEU B 135 4.88 19.31 7.27
CA LEU B 135 3.94 19.78 8.28
C LEU B 135 3.01 20.92 7.87
N LYS B 136 2.12 21.30 8.80
CA LYS B 136 1.28 22.51 8.81
C LYS B 136 0.32 22.50 10.00
#